data_7TMX
#
_entry.id   7TMX
#
_cell.length_a   78.541
_cell.length_b   90.378
_cell.length_c   99.569
_cell.angle_alpha   90.000
_cell.angle_beta   90.000
_cell.angle_gamma   90.000
#
_symmetry.space_group_name_H-M   'P 21 21 21'
#
loop_
_entity.id
_entity.type
_entity.pdbx_description
1 polymer 'Importin subunit alpha-1'
2 polymer 'Nuclear Localization Signal from Endonuclease 8-like 1'
3 water water
#
loop_
_entity_poly.entity_id
_entity_poly.type
_entity_poly.pdbx_seq_one_letter_code
_entity_poly.pdbx_strand_id
1 'polypeptide(L)'
;NQGTVNWSVEDIVKGINSNNLESQLQATQAARKLLSREKQPPIDNIIRAGLIPKFVSFLGKTDCSPIQFESAWALTNIAS
GTSEQTKAVVDGGAIPAFISLLASPHAHISEQAVWALGNIAGDGSAFRDLVIKHGAIDPLLALLAVPDLSTLACGYLRNL
TWTLSNLCRNKNPAPPLDAVEQILPTLVRLLHHNDPEVLADSCWAISYLTDGPNERIEMVVKKGVVPQLVKLLGATELPI
VTPALRAIGNIVTGTDEQTQKVIDAGALAVFPSLLTNPKTNIQKEATWTMSNITAGRQDQIQQVVNHGLVPFLVGVLSKA
DFKTQKEAAWAITNYTSGGTVEQIVYLVHCGIIEPLMNLLSAKDTKIIQVILDAISNIFQAAEKLGETEKLSIMIEECGG
LDKIEALQRHENESVYKASLNLIEKYFSVEEEEDQNVVPETTSEGFAFQVQDGAPGTFNF
;
I
2 'polypeptide(L)' RRKGRCAASGHCRPRKVKAD A,B
#
# COMPACT_ATOMS: atom_id res chain seq x y z
N GLY A 3 10.00 34.03 24.80
CA GLY A 3 9.97 35.06 23.76
C GLY A 3 8.70 35.01 22.95
N THR A 4 8.46 33.89 22.28
CA THR A 4 7.22 33.65 21.54
C THR A 4 6.57 32.36 21.97
N VAL A 5 6.74 31.99 23.25
CA VAL A 5 6.27 30.71 23.76
C VAL A 5 4.86 30.87 24.34
N ASN A 6 3.91 30.15 23.75
CA ASN A 6 2.55 30.01 24.26
C ASN A 6 1.89 31.39 24.44
N TRP A 7 1.82 32.09 23.30
CA TRP A 7 0.97 33.25 23.14
C TRP A 7 -0.50 32.84 23.05
N SER A 8 -1.38 33.77 23.40
CA SER A 8 -2.79 33.63 23.10
C SER A 8 -3.05 33.94 21.62
N VAL A 9 -4.12 33.34 21.09
CA VAL A 9 -4.49 33.62 19.70
C VAL A 9 -4.72 35.11 19.49
N GLU A 10 -5.38 35.75 20.46
CA GLU A 10 -5.65 37.19 20.35
C GLU A 10 -4.36 37.98 20.23
N ASP A 11 -3.32 37.60 20.98
CA ASP A 11 -2.05 38.30 20.89
C ASP A 11 -1.38 38.07 19.54
N ILE A 12 -1.53 36.87 18.99
CA ILE A 12 -0.98 36.59 17.66
C ILE A 12 -1.69 37.45 16.61
N VAL A 13 -3.01 37.59 16.73
CA VAL A 13 -3.77 38.38 15.78
C VAL A 13 -3.33 39.83 15.82
N LYS A 14 -3.23 40.41 17.02
CA LYS A 14 -2.83 41.81 17.15
C LYS A 14 -1.42 42.04 16.61
N GLY A 15 -0.56 41.03 16.64
CA GLY A 15 0.78 41.18 16.11
C GLY A 15 0.82 41.08 14.61
N ILE A 16 0.06 40.11 14.06
CA ILE A 16 -0.03 39.97 12.61
C ILE A 16 -0.75 41.16 12.00
N ASN A 17 -1.76 41.68 12.69
CA ASN A 17 -2.56 42.80 12.19
C ASN A 17 -1.90 44.15 12.41
N SER A 18 -0.67 44.18 12.91
CA SER A 18 0.08 45.42 13.03
C SER A 18 0.86 45.67 11.75
N ASN A 19 1.06 46.94 11.42
CA ASN A 19 1.79 47.31 10.22
C ASN A 19 3.30 47.35 10.47
N ASN A 20 3.82 46.38 11.21
CA ASN A 20 5.23 46.30 11.57
C ASN A 20 5.71 44.91 11.19
N LEU A 21 6.59 44.83 10.19
CA LEU A 21 7.04 43.53 9.69
C LEU A 21 7.67 42.69 10.79
N GLU A 22 8.49 43.30 11.64
CA GLU A 22 9.11 42.56 12.72
C GLU A 22 8.09 42.10 13.76
N SER A 23 7.04 42.91 13.98
CA SER A 23 5.96 42.47 14.86
C SER A 23 5.19 41.32 14.23
N GLN A 24 4.94 41.39 12.92
CA GLN A 24 4.29 40.28 12.23
C GLN A 24 5.13 39.02 12.27
N LEU A 25 6.44 39.17 12.06
CA LEU A 25 7.34 38.03 12.15
C LEU A 25 7.29 37.40 13.54
N GLN A 26 7.34 38.23 14.57
CA GLN A 26 7.32 37.73 15.94
C GLN A 26 6.03 36.97 16.23
N ALA A 27 4.89 37.50 15.77
CA ALA A 27 3.62 36.84 16.02
C ALA A 27 3.43 35.59 15.17
N THR A 28 3.96 35.57 13.96
CA THR A 28 3.86 34.38 13.12
C THR A 28 4.62 33.21 13.73
N GLN A 29 5.83 33.47 14.24
CA GLN A 29 6.59 32.43 14.92
C GLN A 29 5.83 31.88 16.11
N ALA A 30 5.19 32.76 16.90
CA ALA A 30 4.40 32.30 18.03
C ALA A 30 3.24 31.43 17.55
N ALA A 31 2.61 31.80 16.43
CA ALA A 31 1.59 30.94 15.84
C ALA A 31 2.16 29.58 15.49
N ARG A 32 3.36 29.56 14.92
CA ARG A 32 3.99 28.29 14.57
C ARG A 32 4.20 27.42 15.80
N LYS A 33 4.61 28.02 16.92
CA LYS A 33 4.88 27.23 18.12
C LYS A 33 3.61 26.61 18.67
N LEU A 34 2.50 27.36 18.72
CA LEU A 34 1.23 26.75 19.08
C LEU A 34 0.86 25.61 18.14
N LEU A 35 1.02 25.80 16.83
CA LEU A 35 0.59 24.79 15.88
C LEU A 35 1.45 23.55 15.91
N SER A 36 2.66 23.62 16.48
CA SER A 36 3.57 22.49 16.51
C SER A 36 3.66 21.86 17.90
N ARG A 37 2.78 22.24 18.82
CA ARG A 37 2.79 21.64 20.14
C ARG A 37 2.14 20.25 20.11
N GLU A 38 2.51 19.43 21.09
CA GLU A 38 2.09 18.03 21.08
C GLU A 38 0.61 17.90 21.41
N LYS A 39 0.22 18.25 22.62
CA LYS A 39 -1.15 18.06 23.10
C LYS A 39 -2.05 19.13 22.50
N GLN A 40 -2.76 18.76 21.42
CA GLN A 40 -3.77 19.61 20.79
C GLN A 40 -3.11 20.83 20.17
N PRO A 41 -3.00 20.90 18.85
CA PRO A 41 -2.73 22.18 18.20
C PRO A 41 -4.04 22.92 17.95
N PRO A 42 -4.16 24.16 18.43
CA PRO A 42 -5.40 24.92 18.22
C PRO A 42 -5.60 25.32 16.77
N ILE A 43 -5.62 24.34 15.87
CA ILE A 43 -5.75 24.62 14.44
C ILE A 43 -7.03 25.39 14.16
N ASP A 44 -8.14 24.93 14.70
CA ASP A 44 -9.43 25.55 14.40
C ASP A 44 -9.52 26.97 14.97
N ASN A 45 -8.88 27.23 16.11
CA ASN A 45 -8.84 28.59 16.64
C ASN A 45 -8.06 29.52 15.71
N ILE A 46 -6.95 29.03 15.16
CA ILE A 46 -6.15 29.85 14.25
C ILE A 46 -6.91 30.15 12.96
N ILE A 47 -7.67 29.16 12.46
CA ILE A 47 -8.42 29.36 11.23
C ILE A 47 -9.56 30.36 11.46
N ARG A 48 -10.28 30.21 12.57
CA ARG A 48 -11.44 31.05 12.84
C ARG A 48 -11.04 32.52 12.96
N ALA A 49 -9.83 32.80 13.40
CA ALA A 49 -9.35 34.18 13.52
C ALA A 49 -8.90 34.77 12.19
N GLY A 50 -9.04 34.03 11.09
CA GLY A 50 -8.74 34.56 9.77
C GLY A 50 -7.26 34.75 9.48
N LEU A 51 -6.40 33.89 10.02
CA LEU A 51 -4.96 34.09 9.89
C LEU A 51 -4.36 33.45 8.65
N ILE A 52 -5.08 32.53 7.99
CA ILE A 52 -4.52 31.85 6.82
C ILE A 52 -4.23 32.81 5.66
N PRO A 53 -5.15 33.69 5.27
CA PRO A 53 -4.79 34.66 4.20
C PRO A 53 -3.54 35.45 4.50
N LYS A 54 -3.26 35.71 5.78
CA LYS A 54 -2.10 36.50 6.14
C LYS A 54 -0.82 35.68 6.16
N PHE A 55 -0.90 34.41 6.59
CA PHE A 55 0.23 33.50 6.44
C PHE A 55 0.60 33.33 4.96
N VAL A 56 -0.42 33.14 4.11
CA VAL A 56 -0.17 32.94 2.68
C VAL A 56 0.53 34.16 2.10
N SER A 57 0.09 35.36 2.47
CA SER A 57 0.75 36.57 1.99
C SER A 57 2.19 36.65 2.44
N PHE A 58 2.49 36.16 3.64
CA PHE A 58 3.87 36.17 4.13
C PHE A 58 4.76 35.22 3.34
N LEU A 59 4.18 34.21 2.69
CA LEU A 59 4.98 33.32 1.84
C LEU A 59 5.70 34.09 0.75
N GLY A 60 5.11 35.18 0.26
CA GLY A 60 5.69 35.98 -0.79
C GLY A 60 6.66 37.05 -0.36
N LYS A 61 6.94 37.20 0.94
CA LYS A 61 7.86 38.23 1.45
C LYS A 61 9.29 37.78 1.19
N THR A 62 9.74 38.00 -0.05
CA THR A 62 11.08 37.56 -0.44
C THR A 62 12.18 38.28 0.33
N ASP A 63 11.96 39.54 0.71
CA ASP A 63 12.97 40.29 1.44
C ASP A 63 13.05 39.91 2.92
N CYS A 64 12.14 39.07 3.40
CA CYS A 64 12.11 38.64 4.81
C CYS A 64 11.96 37.12 4.83
N SER A 65 13.05 36.42 4.56
CA SER A 65 13.07 34.96 4.62
C SER A 65 12.49 34.39 5.92
N PRO A 66 12.81 34.90 7.11
CA PRO A 66 12.29 34.26 8.34
C PRO A 66 10.78 34.17 8.38
N ILE A 67 10.06 35.20 7.96
CA ILE A 67 8.59 35.13 8.01
C ILE A 67 8.07 34.22 6.91
N GLN A 68 8.82 34.06 5.82
CA GLN A 68 8.48 33.05 4.82
C GLN A 68 8.53 31.66 5.44
N PHE A 69 9.57 31.38 6.21
CA PHE A 69 9.75 30.07 6.84
C PHE A 69 8.70 29.83 7.91
N GLU A 70 8.49 30.80 8.81
CA GLU A 70 7.55 30.61 9.90
C GLU A 70 6.12 30.43 9.38
N SER A 71 5.72 31.23 8.39
CA SER A 71 4.38 31.08 7.85
C SER A 71 4.24 29.77 7.09
N ALA A 72 5.29 29.35 6.38
CA ALA A 72 5.26 28.06 5.69
C ALA A 72 5.12 26.91 6.69
N TRP A 73 5.87 26.97 7.79
CA TRP A 73 5.76 25.96 8.83
C TRP A 73 4.37 25.98 9.45
N ALA A 74 3.85 27.17 9.76
CA ALA A 74 2.51 27.28 10.31
C ALA A 74 1.46 26.70 9.36
N LEU A 75 1.54 27.08 8.09
CA LEU A 75 0.58 26.57 7.12
C LEU A 75 0.71 25.06 6.94
N THR A 76 1.95 24.57 6.93
CA THR A 76 2.18 23.13 6.87
C THR A 76 1.39 22.39 7.95
N ASN A 77 1.44 22.91 9.18
CA ASN A 77 0.81 22.20 10.30
C ASN A 77 -0.71 22.27 10.24
N ILE A 78 -1.26 23.34 9.68
CA ILE A 78 -2.71 23.38 9.48
C ILE A 78 -3.12 22.38 8.40
N ALA A 79 -2.36 22.32 7.29
CA ALA A 79 -2.68 21.41 6.21
C ALA A 79 -2.55 19.95 6.60
N SER A 80 -1.85 19.66 7.71
CA SER A 80 -1.69 18.29 8.17
C SER A 80 -2.89 17.78 8.95
N GLY A 81 -3.87 18.63 9.24
CA GLY A 81 -5.04 18.22 10.00
C GLY A 81 -6.12 17.55 9.16
N THR A 82 -7.37 17.87 9.46
CA THR A 82 -8.50 17.25 8.76
C THR A 82 -8.59 17.77 7.33
N SER A 83 -9.49 17.14 6.55
CA SER A 83 -9.76 17.60 5.20
C SER A 83 -10.27 19.02 5.18
N GLU A 84 -11.18 19.35 6.12
CA GLU A 84 -11.66 20.72 6.22
C GLU A 84 -10.52 21.69 6.49
N GLN A 85 -9.59 21.30 7.36
CA GLN A 85 -8.47 22.17 7.68
C GLN A 85 -7.53 22.34 6.49
N THR A 86 -7.22 21.25 5.79
CA THR A 86 -6.41 21.35 4.58
C THR A 86 -7.11 22.21 3.53
N LYS A 87 -8.43 22.02 3.37
CA LYS A 87 -9.19 22.83 2.43
C LYS A 87 -9.05 24.31 2.73
N ALA A 88 -8.96 24.67 4.01
CA ALA A 88 -8.80 26.07 4.37
C ALA A 88 -7.45 26.60 3.89
N VAL A 89 -6.39 25.79 4.00
CA VAL A 89 -5.09 26.21 3.49
C VAL A 89 -5.15 26.40 1.98
N VAL A 90 -5.80 25.46 1.28
CA VAL A 90 -5.92 25.56 -0.17
C VAL A 90 -6.79 26.76 -0.56
N ASP A 91 -7.84 27.02 0.21
CA ASP A 91 -8.76 28.11 -0.14
C ASP A 91 -8.07 29.46 -0.08
N GLY A 92 -7.05 29.61 0.76
CA GLY A 92 -6.30 30.84 0.85
C GLY A 92 -5.25 31.05 -0.22
N GLY A 93 -5.24 30.22 -1.26
CA GLY A 93 -4.30 30.38 -2.34
C GLY A 93 -2.90 29.87 -2.05
N ALA A 94 -2.77 28.89 -1.15
CA ALA A 94 -1.45 28.47 -0.68
C ALA A 94 -0.71 27.61 -1.71
N ILE A 95 -1.42 26.91 -2.60
CA ILE A 95 -0.75 26.01 -3.53
C ILE A 95 0.23 26.75 -4.45
N PRO A 96 -0.17 27.80 -5.18
CA PRO A 96 0.82 28.48 -6.03
C PRO A 96 1.92 29.16 -5.25
N ALA A 97 1.62 29.65 -4.03
CA ALA A 97 2.64 30.29 -3.22
C ALA A 97 3.67 29.29 -2.72
N PHE A 98 3.24 28.07 -2.39
CA PHE A 98 4.18 27.05 -1.96
C PHE A 98 5.04 26.56 -3.11
N ILE A 99 4.45 26.39 -4.30
CA ILE A 99 5.23 25.96 -5.46
C ILE A 99 6.28 27.00 -5.80
N SER A 100 5.94 28.28 -5.66
CA SER A 100 6.92 29.34 -5.89
C SER A 100 8.08 29.27 -4.92
N LEU A 101 7.86 28.71 -3.73
CA LEU A 101 8.93 28.60 -2.75
C LEU A 101 9.82 27.38 -2.98
N LEU A 102 9.45 26.48 -3.90
CA LEU A 102 10.29 25.32 -4.16
C LEU A 102 11.68 25.72 -4.64
N ALA A 103 11.80 26.85 -5.32
CA ALA A 103 13.07 27.32 -5.85
C ALA A 103 13.75 28.36 -4.96
N SER A 104 13.31 28.48 -3.72
CA SER A 104 13.95 29.40 -2.80
C SER A 104 15.42 29.06 -2.65
N PRO A 105 16.31 30.05 -2.52
CA PRO A 105 17.72 29.75 -2.23
C PRO A 105 17.92 29.21 -0.83
N HIS A 106 16.96 29.40 0.07
CA HIS A 106 17.01 28.85 1.42
C HIS A 106 16.44 27.44 1.39
N ALA A 107 17.31 26.45 1.62
CA ALA A 107 16.88 25.06 1.52
C ALA A 107 15.82 24.72 2.58
N HIS A 108 15.89 25.35 3.76
CA HIS A 108 14.93 25.04 4.80
C HIS A 108 13.55 25.59 4.46
N ILE A 109 13.49 26.68 3.69
CA ILE A 109 12.21 27.20 3.22
C ILE A 109 11.66 26.32 2.11
N SER A 110 12.52 25.91 1.17
CA SER A 110 12.09 25.02 0.10
C SER A 110 11.65 23.68 0.65
N GLU A 111 12.39 23.14 1.63
CA GLU A 111 11.99 21.89 2.27
C GLU A 111 10.60 22.01 2.91
N GLN A 112 10.33 23.16 3.52
CA GLN A 112 9.02 23.37 4.14
C GLN A 112 7.92 23.40 3.09
N ALA A 113 8.16 24.07 1.97
CA ALA A 113 7.19 24.07 0.88
C ALA A 113 6.95 22.66 0.35
N VAL A 114 8.00 21.84 0.30
CA VAL A 114 7.84 20.44 -0.09
C VAL A 114 6.91 19.74 0.89
N TRP A 115 7.15 19.94 2.19
CA TRP A 115 6.31 19.33 3.23
C TRP A 115 4.85 19.74 3.06
N ALA A 116 4.62 21.05 2.91
CA ALA A 116 3.24 21.54 2.82
C ALA A 116 2.51 20.94 1.63
N LEU A 117 3.15 20.94 0.46
CA LEU A 117 2.53 20.34 -0.72
C LEU A 117 2.26 18.86 -0.50
N GLY A 118 3.16 18.16 0.21
CA GLY A 118 2.91 16.77 0.52
C GLY A 118 1.65 16.56 1.32
N ASN A 119 1.40 17.42 2.31
CA ASN A 119 0.18 17.33 3.11
C ASN A 119 -1.05 17.62 2.26
N ILE A 120 -0.95 18.59 1.35
CA ILE A 120 -2.09 18.97 0.52
C ILE A 120 -2.40 17.88 -0.48
N ALA A 121 -1.38 17.38 -1.18
CA ALA A 121 -1.59 16.29 -2.12
C ALA A 121 -2.15 15.06 -1.43
N GLY A 122 -1.70 14.79 -0.20
CA GLY A 122 -2.11 13.59 0.51
C GLY A 122 -3.54 13.59 0.99
N ASP A 123 -4.23 14.74 0.93
CA ASP A 123 -5.63 14.78 1.38
C ASP A 123 -6.53 13.93 0.49
N GLY A 124 -6.30 13.94 -0.81
CA GLY A 124 -7.17 13.22 -1.72
C GLY A 124 -6.79 13.48 -3.16
N SER A 125 -7.48 12.75 -4.04
CA SER A 125 -7.16 12.82 -5.47
CA SER A 125 -7.16 12.82 -5.47
C SER A 125 -7.43 14.21 -6.04
N ALA A 126 -8.48 14.87 -5.56
CA ALA A 126 -8.81 16.20 -6.08
C ALA A 126 -7.70 17.21 -5.78
N PHE A 127 -7.27 17.29 -4.53
CA PHE A 127 -6.18 18.20 -4.18
C PHE A 127 -4.87 17.75 -4.79
N ARG A 128 -4.65 16.43 -4.86
CA ARG A 128 -3.46 15.91 -5.53
C ARG A 128 -3.37 16.41 -6.96
N ASP A 129 -4.46 16.27 -7.72
CA ASP A 129 -4.46 16.71 -9.10
C ASP A 129 -4.43 18.23 -9.20
N LEU A 130 -4.99 18.94 -8.21
CA LEU A 130 -4.90 20.40 -8.24
C LEU A 130 -3.46 20.85 -8.02
N VAL A 131 -2.76 20.23 -7.08
CA VAL A 131 -1.32 20.44 -6.93
C VAL A 131 -0.60 20.21 -8.25
N ILE A 132 -0.99 19.14 -8.96
CA ILE A 132 -0.34 18.81 -10.23
C ILE A 132 -0.65 19.86 -11.29
N LYS A 133 -1.90 20.34 -11.32
CA LYS A 133 -2.28 21.35 -12.31
C LYS A 133 -1.53 22.66 -12.09
N HIS A 134 -1.28 23.02 -10.83
CA HIS A 134 -0.53 24.23 -10.55
C HIS A 134 0.94 24.12 -10.92
N GLY A 135 1.39 22.95 -11.36
CA GLY A 135 2.74 22.81 -11.87
C GLY A 135 3.80 22.44 -10.86
N ALA A 136 3.45 21.65 -9.85
CA ALA A 136 4.40 21.33 -8.79
C ALA A 136 5.46 20.32 -9.23
N ILE A 137 5.13 19.45 -10.18
CA ILE A 137 5.98 18.29 -10.44
C ILE A 137 7.35 18.71 -10.97
N ASP A 138 7.37 19.63 -11.92
CA ASP A 138 8.65 20.06 -12.49
C ASP A 138 9.62 20.62 -11.45
N PRO A 139 9.25 21.61 -10.63
CA PRO A 139 10.22 22.08 -9.61
C PRO A 139 10.53 21.06 -8.54
N LEU A 140 9.60 20.15 -8.22
CA LEU A 140 9.92 19.08 -7.27
C LEU A 140 10.99 18.16 -7.82
N LEU A 141 10.83 17.73 -9.08
CA LEU A 141 11.80 16.82 -9.68
C LEU A 141 13.15 17.51 -9.90
N ALA A 142 13.14 18.82 -10.16
CA ALA A 142 14.39 19.55 -10.35
C ALA A 142 15.23 19.54 -9.08
N LEU A 143 14.60 19.49 -7.91
CA LEU A 143 15.33 19.41 -6.65
C LEU A 143 16.08 18.08 -6.50
N LEU A 144 15.64 17.04 -7.19
CA LEU A 144 16.30 15.74 -7.18
C LEU A 144 17.18 15.51 -8.40
N ALA A 145 17.32 16.51 -9.26
CA ALA A 145 18.14 16.38 -10.48
C ALA A 145 19.61 16.60 -10.12
N VAL A 146 20.19 15.60 -9.46
CA VAL A 146 21.59 15.64 -9.08
C VAL A 146 22.24 14.33 -9.49
N PRO A 147 23.56 14.32 -9.71
CA PRO A 147 24.23 13.06 -10.10
C PRO A 147 24.12 11.97 -9.05
N ASP A 148 24.16 12.33 -7.77
CA ASP A 148 24.15 11.36 -6.68
C ASP A 148 23.22 11.87 -5.59
N LEU A 149 22.20 11.07 -5.26
CA LEU A 149 21.26 11.45 -4.21
C LEU A 149 21.92 11.57 -2.84
N SER A 150 23.12 10.99 -2.68
CA SER A 150 23.78 10.97 -1.38
C SER A 150 24.26 12.36 -0.95
N THR A 151 24.32 13.32 -1.86
CA THR A 151 24.77 14.66 -1.53
C THR A 151 23.65 15.55 -0.99
N LEU A 152 22.42 15.04 -0.94
CA LEU A 152 21.29 15.79 -0.42
C LEU A 152 21.12 15.51 1.07
N ALA A 153 20.67 16.53 1.80
CA ALA A 153 20.43 16.36 3.23
C ALA A 153 19.40 15.26 3.48
N CYS A 154 19.62 14.52 4.57
CA CYS A 154 18.81 13.33 4.83
C CYS A 154 17.34 13.66 4.94
N GLY A 155 16.98 14.62 5.80
CA GLY A 155 15.59 14.99 5.96
C GLY A 155 14.99 15.62 4.71
N TYR A 156 15.80 16.34 3.95
CA TYR A 156 15.33 16.95 2.71
C TYR A 156 14.95 15.88 1.69
N LEU A 157 15.81 14.89 1.50
CA LEU A 157 15.51 13.80 0.56
C LEU A 157 14.32 12.98 1.02
N ARG A 158 14.21 12.72 2.32
CA ARG A 158 13.07 11.96 2.84
C ARG A 158 11.77 12.71 2.62
N ASN A 159 11.77 14.03 2.80
CA ASN A 159 10.55 14.80 2.61
C ASN A 159 10.17 14.89 1.14
N LEU A 160 11.17 15.02 0.26
CA LEU A 160 10.89 14.99 -1.17
C LEU A 160 10.31 13.64 -1.58
N THR A 161 10.90 12.54 -1.08
CA THR A 161 10.39 11.21 -1.40
C THR A 161 8.95 11.05 -0.92
N TRP A 162 8.66 11.48 0.31
CA TRP A 162 7.32 11.31 0.87
C TRP A 162 6.29 12.10 0.08
N THR A 163 6.62 13.33 -0.30
CA THR A 163 5.69 14.16 -1.06
C THR A 163 5.43 13.56 -2.44
N LEU A 164 6.48 13.10 -3.12
CA LEU A 164 6.29 12.43 -4.41
C LEU A 164 5.35 11.24 -4.28
N SER A 165 5.49 10.46 -3.21
CA SER A 165 4.64 9.30 -3.04
C SER A 165 3.18 9.70 -2.84
N ASN A 166 2.92 10.87 -2.24
CA ASN A 166 1.54 11.33 -2.13
C ASN A 166 0.99 11.74 -3.48
N LEU A 167 1.84 12.23 -4.39
CA LEU A 167 1.40 12.53 -5.74
C LEU A 167 1.08 11.25 -6.52
N CYS A 168 1.59 10.11 -6.08
CA CYS A 168 1.29 8.82 -6.68
C CYS A 168 0.11 8.12 -6.04
N ARG A 169 -0.38 8.63 -4.92
CA ARG A 169 -1.33 7.95 -4.06
C ARG A 169 -2.77 8.27 -4.47
N ASN A 170 -3.69 7.38 -4.07
CA ASN A 170 -5.14 7.55 -4.14
C ASN A 170 -5.69 7.17 -5.51
N LYS A 171 -6.97 6.80 -5.54
CA LYS A 171 -7.65 6.39 -6.76
C LYS A 171 -8.97 7.13 -6.90
N ASN A 172 -9.77 6.73 -7.89
CA ASN A 172 -11.04 7.39 -8.20
C ASN A 172 -10.92 8.92 -8.25
N PRO A 173 -10.11 9.46 -9.17
CA PRO A 173 -9.28 8.74 -10.16
C PRO A 173 -7.85 8.52 -9.69
N ALA A 174 -7.19 7.55 -10.32
CA ALA A 174 -5.75 7.40 -10.19
C ALA A 174 -5.07 8.65 -10.76
N PRO A 175 -3.84 8.92 -10.35
CA PRO A 175 -3.15 10.15 -10.81
C PRO A 175 -3.03 10.18 -12.33
N PRO A 176 -2.85 11.36 -12.92
CA PRO A 176 -2.78 11.45 -14.38
C PRO A 176 -1.61 10.63 -14.92
N LEU A 177 -1.88 9.94 -16.04
CA LEU A 177 -0.87 9.05 -16.63
C LEU A 177 0.41 9.80 -16.97
N ASP A 178 0.29 10.99 -17.56
CA ASP A 178 1.46 11.75 -17.93
C ASP A 178 2.24 12.22 -16.71
N ALA A 179 1.55 12.50 -15.60
CA ALA A 179 2.24 12.82 -14.36
C ALA A 179 2.98 11.61 -13.82
N VAL A 180 2.38 10.43 -13.92
CA VAL A 180 3.05 9.21 -13.48
C VAL A 180 4.28 8.94 -14.34
N GLU A 181 4.17 9.12 -15.65
CA GLU A 181 5.32 8.95 -16.54
C GLU A 181 6.42 9.94 -16.18
N GLN A 182 6.05 11.16 -15.82
CA GLN A 182 7.02 12.19 -15.48
C GLN A 182 7.77 11.85 -14.20
N ILE A 183 7.06 11.38 -13.18
CA ILE A 183 7.65 11.14 -11.87
C ILE A 183 8.50 9.87 -11.87
N LEU A 184 8.15 8.92 -12.71
CA LEU A 184 8.53 7.53 -12.49
C LEU A 184 10.04 7.26 -12.66
N PRO A 185 10.76 7.92 -13.58
CA PRO A 185 12.23 7.74 -13.59
C PRO A 185 12.90 8.21 -12.31
N THR A 186 12.39 9.27 -11.67
CA THR A 186 12.95 9.68 -10.39
C THR A 186 12.61 8.70 -9.29
N LEU A 187 11.38 8.19 -9.29
CA LEU A 187 10.99 7.15 -8.35
C LEU A 187 11.95 5.96 -8.42
N VAL A 188 12.26 5.51 -9.64
CA VAL A 188 13.14 4.35 -9.80
C VAL A 188 14.51 4.63 -9.21
N ARG A 189 15.00 5.86 -9.37
CA ARG A 189 16.30 6.21 -8.78
C ARG A 189 16.23 6.23 -7.26
N LEU A 190 15.12 6.72 -6.71
CA LEU A 190 14.94 6.68 -5.26
C LEU A 190 14.82 5.26 -4.75
N LEU A 191 14.28 4.35 -5.57
CA LEU A 191 14.15 2.95 -5.19
C LEU A 191 15.49 2.26 -5.01
N HIS A 192 16.60 2.88 -5.45
CA HIS A 192 17.92 2.31 -5.31
C HIS A 192 18.77 3.04 -4.28
N HIS A 193 18.23 4.05 -3.61
CA HIS A 193 18.95 4.74 -2.55
C HIS A 193 19.13 3.82 -1.35
N ASN A 194 20.02 4.20 -0.44
CA ASN A 194 20.36 3.35 0.71
C ASN A 194 19.62 3.74 1.98
N ASP A 195 18.97 4.89 2.01
CA ASP A 195 18.29 5.33 3.23
C ASP A 195 17.04 4.50 3.45
N PRO A 196 16.89 3.84 4.61
CA PRO A 196 15.73 2.96 4.78
C PRO A 196 14.39 3.66 4.62
N GLU A 197 14.29 4.95 4.95
CA GLU A 197 12.91 5.41 4.99
C GLU A 197 12.54 5.84 3.59
N VAL A 198 13.53 6.41 2.90
CA VAL A 198 13.44 6.71 1.48
C VAL A 198 13.01 5.47 0.72
N LEU A 199 13.62 4.32 1.04
CA LEU A 199 13.23 3.07 0.41
C LEU A 199 11.80 2.68 0.74
N ALA A 200 11.38 2.92 1.99
CA ALA A 200 10.01 2.60 2.38
C ALA A 200 9.00 3.45 1.63
N ASP A 201 9.22 4.76 1.60
CA ASP A 201 8.28 5.64 0.90
C ASP A 201 8.31 5.39 -0.61
N SER A 202 9.47 5.03 -1.15
CA SER A 202 9.55 4.70 -2.58
C SER A 202 8.71 3.47 -2.90
N CYS A 203 8.81 2.43 -2.05
CA CYS A 203 8.00 1.24 -2.25
C CYS A 203 6.52 1.55 -2.14
N TRP A 204 6.15 2.44 -1.21
CA TRP A 204 4.75 2.87 -1.10
C TRP A 204 4.30 3.53 -2.39
N ALA A 205 5.15 4.38 -2.98
CA ALA A 205 4.79 5.03 -4.24
C ALA A 205 4.56 4.00 -5.34
N ILE A 206 5.47 3.04 -5.47
CA ILE A 206 5.29 1.96 -6.44
C ILE A 206 4.06 1.13 -6.07
N SER A 207 3.88 0.87 -4.77
CA SER A 207 2.64 0.26 -4.28
C SER A 207 1.41 0.94 -4.85
N TYR A 208 1.36 2.27 -4.77
CA TYR A 208 0.19 3.00 -5.25
C TYR A 208 0.06 2.90 -6.77
N LEU A 209 1.17 2.98 -7.50
CA LEU A 209 1.10 3.01 -8.95
C LEU A 209 0.70 1.66 -9.52
N THR A 210 0.99 0.56 -8.82
CA THR A 210 0.59 -0.77 -9.28
C THR A 210 -0.81 -1.15 -8.81
N ASP A 211 -1.46 -0.33 -7.99
CA ASP A 211 -2.81 -0.60 -7.52
C ASP A 211 -3.83 -0.04 -8.52
N GLY A 212 -3.86 -0.67 -9.69
CA GLY A 212 -4.78 -0.27 -10.73
C GLY A 212 -4.92 -1.35 -11.79
N PRO A 213 -5.30 -0.95 -13.00
CA PRO A 213 -5.38 -1.90 -14.12
C PRO A 213 -3.99 -2.24 -14.64
N ASN A 214 -3.94 -3.29 -15.46
CA ASN A 214 -2.67 -3.83 -15.92
C ASN A 214 -1.82 -2.78 -16.64
N GLU A 215 -2.46 -1.78 -17.24
CA GLU A 215 -1.73 -0.76 -17.99
C GLU A 215 -0.92 0.11 -17.04
N ARG A 216 -1.46 0.42 -15.87
CA ARG A 216 -0.66 1.08 -14.84
C ARG A 216 0.48 0.18 -14.40
N ILE A 217 0.20 -1.10 -14.18
CA ILE A 217 1.23 -2.06 -13.78
C ILE A 217 2.33 -2.11 -14.83
N GLU A 218 1.96 -2.16 -16.11
CA GLU A 218 2.95 -2.23 -17.18
C GLU A 218 3.85 -1.01 -17.19
N MET A 219 3.29 0.18 -16.94
CA MET A 219 4.11 1.38 -16.80
C MET A 219 5.25 1.17 -15.84
N VAL A 220 4.97 0.55 -14.69
CA VAL A 220 5.97 0.40 -13.65
C VAL A 220 6.98 -0.68 -14.03
N VAL A 221 6.50 -1.84 -14.49
CA VAL A 221 7.40 -2.94 -14.79
C VAL A 221 8.26 -2.64 -16.02
N LYS A 222 7.83 -1.77 -16.92
CA LYS A 222 8.70 -1.47 -18.08
C LYS A 222 9.96 -0.77 -17.59
N LYS A 223 9.91 -0.07 -16.46
CA LYS A 223 11.08 0.58 -15.87
C LYS A 223 12.04 -0.38 -15.19
N GLY A 224 11.72 -1.68 -15.16
CA GLY A 224 12.65 -2.68 -14.65
C GLY A 224 12.80 -2.75 -13.15
N VAL A 225 11.82 -2.24 -12.38
CA VAL A 225 11.94 -2.19 -10.93
C VAL A 225 11.71 -3.51 -10.23
N VAL A 226 11.24 -4.53 -10.95
CA VAL A 226 10.85 -5.79 -10.29
C VAL A 226 12.03 -6.43 -9.55
N PRO A 227 13.23 -6.59 -10.14
CA PRO A 227 14.33 -7.17 -9.36
C PRO A 227 14.66 -6.38 -8.10
N GLN A 228 14.54 -5.04 -8.16
CA GLN A 228 14.80 -4.25 -6.97
C GLN A 228 13.72 -4.46 -5.92
N LEU A 229 12.46 -4.61 -6.35
CA LEU A 229 11.39 -4.87 -5.41
C LEU A 229 11.56 -6.23 -4.73
N VAL A 230 12.08 -7.22 -5.46
CA VAL A 230 12.32 -8.52 -4.87
C VAL A 230 13.45 -8.45 -3.86
N LYS A 231 14.48 -7.67 -4.16
CA LYS A 231 15.55 -7.42 -3.19
C LYS A 231 15.00 -6.80 -1.92
N LEU A 232 14.22 -5.71 -2.07
CA LEU A 232 13.60 -5.07 -0.91
C LEU A 232 12.63 -6.00 -0.20
N LEU A 233 12.06 -6.96 -0.94
CA LEU A 233 11.18 -7.94 -0.32
C LEU A 233 11.90 -8.77 0.74
N GLY A 234 13.21 -8.94 0.60
CA GLY A 234 14.01 -9.66 1.56
C GLY A 234 14.69 -8.82 2.61
N ALA A 235 14.41 -7.52 2.67
CA ALA A 235 15.06 -6.66 3.66
C ALA A 235 14.67 -7.09 5.07
N THR A 236 15.47 -6.63 6.04
CA THR A 236 15.14 -6.87 7.44
C THR A 236 14.22 -5.79 7.99
N GLU A 237 14.27 -4.58 7.44
CA GLU A 237 13.43 -3.48 7.89
C GLU A 237 11.98 -3.77 7.52
N LEU A 238 11.14 -3.95 8.53
CA LEU A 238 9.76 -4.33 8.29
C LEU A 238 9.01 -3.21 7.56
N PRO A 239 9.28 -1.91 7.81
CA PRO A 239 8.66 -0.86 7.00
C PRO A 239 9.09 -0.84 5.53
N ILE A 240 10.11 -1.61 5.15
CA ILE A 240 10.44 -1.78 3.74
C ILE A 240 9.70 -2.98 3.16
N VAL A 241 9.66 -4.08 3.91
CA VAL A 241 9.04 -5.31 3.40
C VAL A 241 7.56 -5.09 3.15
N THR A 242 6.87 -4.38 4.07
CA THR A 242 5.42 -4.24 3.93
C THR A 242 5.02 -3.57 2.62
N PRO A 243 5.55 -2.41 2.22
CA PRO A 243 5.18 -1.88 0.90
C PRO A 243 5.79 -2.66 -0.25
N ALA A 244 6.97 -3.25 -0.08
CA ALA A 244 7.53 -4.09 -1.14
C ALA A 244 6.63 -5.27 -1.44
N LEU A 245 6.12 -5.93 -0.39
CA LEU A 245 5.21 -7.05 -0.59
C LEU A 245 3.91 -6.59 -1.23
N ARG A 246 3.43 -5.40 -0.86
CA ARG A 246 2.22 -4.87 -1.49
C ARG A 246 2.43 -4.65 -2.98
N ALA A 247 3.53 -4.01 -3.36
CA ALA A 247 3.83 -3.78 -4.77
C ALA A 247 3.92 -5.09 -5.53
N ILE A 248 4.62 -6.08 -4.97
CA ILE A 248 4.73 -7.37 -5.63
C ILE A 248 3.37 -8.04 -5.77
N GLY A 249 2.51 -7.86 -4.76
CA GLY A 249 1.19 -8.46 -4.81
C GLY A 249 0.28 -7.79 -5.82
N ASN A 250 0.39 -6.47 -5.95
CA ASN A 250 -0.36 -5.76 -6.99
C ASN A 250 0.09 -6.21 -8.38
N ILE A 251 1.40 -6.43 -8.55
CA ILE A 251 1.93 -6.76 -9.87
C ILE A 251 1.41 -8.12 -10.32
N VAL A 252 1.30 -9.08 -9.41
CA VAL A 252 0.88 -10.42 -9.79
C VAL A 252 -0.63 -10.49 -9.93
N THR A 253 -1.31 -9.36 -9.82
CA THR A 253 -2.71 -9.30 -10.21
C THR A 253 -2.90 -9.03 -11.70
N GLY A 254 -1.85 -8.58 -12.39
CA GLY A 254 -1.91 -8.29 -13.81
C GLY A 254 -1.84 -9.53 -14.67
N THR A 255 -1.26 -9.37 -15.85
CA THR A 255 -1.16 -10.48 -16.79
C THR A 255 -0.20 -11.54 -16.28
N ASP A 256 -0.29 -12.73 -16.87
CA ASP A 256 0.64 -13.80 -16.54
C ASP A 256 2.08 -13.43 -16.89
N GLU A 257 2.25 -12.58 -17.92
CA GLU A 257 3.59 -12.13 -18.28
C GLU A 257 4.17 -11.23 -17.20
N GLN A 258 3.36 -10.31 -16.66
CA GLN A 258 3.83 -9.47 -15.56
C GLN A 258 4.08 -10.30 -14.32
N THR A 259 3.24 -11.30 -14.06
CA THR A 259 3.49 -12.25 -12.98
C THR A 259 4.81 -13.00 -13.19
N GLN A 260 5.07 -13.44 -14.43
CA GLN A 260 6.28 -14.19 -14.72
C GLN A 260 7.53 -13.40 -14.38
N LYS A 261 7.51 -12.08 -14.61
CA LYS A 261 8.66 -11.25 -14.28
C LYS A 261 8.95 -11.28 -12.79
N VAL A 262 7.90 -11.40 -11.97
CA VAL A 262 8.10 -11.53 -10.52
C VAL A 262 8.77 -12.86 -10.19
N ILE A 263 8.36 -13.93 -10.87
CA ILE A 263 8.99 -15.23 -10.66
C ILE A 263 10.43 -15.21 -11.17
N ASP A 264 10.64 -14.68 -12.37
CA ASP A 264 11.98 -14.64 -12.96
C ASP A 264 12.97 -13.88 -12.08
N ALA A 265 12.50 -12.83 -11.40
CA ALA A 265 13.36 -12.06 -10.52
C ALA A 265 13.66 -12.76 -9.20
N GLY A 266 13.13 -13.97 -9.00
CA GLY A 266 13.47 -14.77 -7.84
C GLY A 266 12.61 -14.53 -6.62
N ALA A 267 11.40 -13.99 -6.79
CA ALA A 267 10.58 -13.63 -5.64
C ALA A 267 10.06 -14.83 -4.87
N LEU A 268 9.98 -16.00 -5.52
CA LEU A 268 9.38 -17.16 -4.86
C LEU A 268 10.28 -17.70 -3.75
N ALA A 269 11.59 -17.53 -3.87
CA ALA A 269 12.51 -18.03 -2.85
C ALA A 269 12.35 -17.29 -1.53
N VAL A 270 11.80 -16.07 -1.53
CA VAL A 270 11.58 -15.32 -0.30
C VAL A 270 10.36 -15.81 0.47
N PHE A 271 9.49 -16.57 -0.16
CA PHE A 271 8.19 -16.84 0.44
C PHE A 271 8.19 -17.87 1.57
N PRO A 272 9.19 -18.75 1.71
CA PRO A 272 9.25 -19.53 2.97
C PRO A 272 9.30 -18.65 4.20
N SER A 273 10.10 -17.57 4.17
CA SER A 273 10.10 -16.63 5.30
C SER A 273 8.78 -15.88 5.38
N LEU A 274 8.31 -15.32 4.26
CA LEU A 274 7.12 -14.47 4.28
C LEU A 274 5.90 -15.24 4.75
N LEU A 275 5.78 -16.52 4.38
CA LEU A 275 4.63 -17.32 4.74
C LEU A 275 4.71 -17.88 6.16
N THR A 276 5.86 -17.71 6.83
CA THR A 276 5.97 -17.97 8.27
C THR A 276 6.27 -16.70 9.04
N ASN A 277 6.09 -15.53 8.42
CA ASN A 277 6.50 -14.28 9.04
C ASN A 277 5.72 -14.03 10.32
N PRO A 278 6.37 -13.65 11.42
CA PRO A 278 5.63 -13.42 12.67
C PRO A 278 4.63 -12.27 12.60
N LYS A 279 4.81 -11.31 11.69
CA LYS A 279 3.84 -10.24 11.53
C LYS A 279 2.63 -10.76 10.77
N THR A 280 1.45 -10.68 11.40
CA THR A 280 0.24 -11.25 10.83
C THR A 280 -0.02 -10.71 9.42
N ASN A 281 0.15 -9.41 9.23
CA ASN A 281 -0.16 -8.81 7.94
C ASN A 281 0.76 -9.31 6.84
N ILE A 282 2.01 -9.64 7.16
CA ILE A 282 2.95 -10.07 6.13
C ILE A 282 2.59 -11.46 5.63
N GLN A 283 2.36 -12.42 6.54
CA GLN A 283 1.82 -13.72 6.11
C GLN A 283 0.52 -13.51 5.38
N LYS A 284 -0.25 -12.56 5.84
CA LYS A 284 -1.58 -12.40 5.30
C LYS A 284 -1.47 -11.90 3.86
N GLU A 285 -0.58 -10.92 3.64
CA GLU A 285 -0.35 -10.38 2.29
C GLU A 285 0.39 -11.38 1.39
N ALA A 286 1.37 -12.09 1.96
CA ALA A 286 2.12 -13.05 1.17
C ALA A 286 1.21 -14.16 0.64
N THR A 287 0.24 -14.58 1.45
CA THR A 287 -0.65 -15.66 1.04
C THR A 287 -1.61 -15.19 -0.05
N TRP A 288 -2.06 -13.94 0.04
CA TRP A 288 -2.88 -13.39 -1.05
C TRP A 288 -2.09 -13.34 -2.34
N THR A 289 -0.82 -12.93 -2.26
CA THR A 289 0.07 -12.95 -3.42
C THR A 289 0.20 -14.37 -3.98
N MET A 290 0.36 -15.35 -3.09
CA MET A 290 0.43 -16.75 -3.52
C MET A 290 -0.85 -17.15 -4.25
N SER A 291 -2.00 -16.64 -3.79
CA SER A 291 -3.26 -17.00 -4.41
C SER A 291 -3.36 -16.46 -5.83
N ASN A 292 -2.85 -15.25 -6.07
CA ASN A 292 -2.84 -14.73 -7.42
C ASN A 292 -1.78 -15.39 -8.29
N ILE A 293 -0.77 -16.00 -7.68
CA ILE A 293 0.19 -16.75 -8.46
C ILE A 293 -0.35 -18.12 -8.83
N THR A 294 -1.07 -18.77 -7.92
CA THR A 294 -1.67 -20.06 -8.24
C THR A 294 -2.86 -19.94 -9.19
N ALA A 295 -3.28 -18.72 -9.50
CA ALA A 295 -4.30 -18.48 -10.52
C ALA A 295 -3.70 -18.29 -11.91
N GLY A 296 -2.41 -18.55 -12.08
CA GLY A 296 -1.72 -18.37 -13.34
C GLY A 296 -1.56 -19.66 -14.12
N ARG A 297 -0.61 -19.64 -15.03
CA ARG A 297 -0.37 -20.78 -15.92
C ARG A 297 0.18 -21.97 -15.12
N GLN A 298 0.06 -23.15 -15.74
CA GLN A 298 0.53 -24.37 -15.10
C GLN A 298 2.03 -24.34 -14.87
N ASP A 299 2.78 -23.73 -15.80
CA ASP A 299 4.22 -23.60 -15.60
C ASP A 299 4.54 -22.69 -14.43
N GLN A 300 3.64 -21.74 -14.11
CA GLN A 300 3.84 -20.90 -12.94
C GLN A 300 3.39 -21.61 -11.67
N ILE A 301 2.33 -22.42 -11.76
CA ILE A 301 2.01 -23.35 -10.67
C ILE A 301 3.19 -24.28 -10.42
N GLN A 302 3.88 -24.70 -11.49
CA GLN A 302 5.04 -25.57 -11.34
C GLN A 302 6.18 -24.88 -10.60
N GLN A 303 6.33 -23.56 -10.79
CA GLN A 303 7.36 -22.83 -10.06
C GLN A 303 7.06 -22.82 -8.57
N VAL A 304 5.79 -22.67 -8.20
CA VAL A 304 5.39 -22.78 -6.79
C VAL A 304 5.80 -24.13 -6.25
N VAL A 305 5.46 -25.19 -6.97
CA VAL A 305 5.83 -26.54 -6.57
C VAL A 305 7.34 -26.64 -6.37
N ASN A 306 8.10 -26.17 -7.37
CA ASN A 306 9.55 -26.35 -7.37
C ASN A 306 10.19 -25.65 -6.18
N HIS A 307 9.69 -24.47 -5.81
CA HIS A 307 10.25 -23.71 -4.70
C HIS A 307 9.85 -24.25 -3.33
N GLY A 308 9.23 -25.42 -3.28
CA GLY A 308 8.83 -26.02 -2.02
C GLY A 308 7.74 -25.29 -1.29
N LEU A 309 6.92 -24.51 -1.98
CA LEU A 309 5.97 -23.60 -1.34
C LEU A 309 4.63 -24.25 -1.03
N VAL A 310 4.35 -25.44 -1.55
CA VAL A 310 3.07 -26.09 -1.30
C VAL A 310 2.99 -26.54 0.16
N PRO A 311 4.03 -27.16 0.73
CA PRO A 311 3.97 -27.44 2.18
C PRO A 311 3.78 -26.19 3.02
N PHE A 312 4.26 -25.03 2.55
CA PHE A 312 4.05 -23.80 3.29
C PHE A 312 2.60 -23.36 3.22
N LEU A 313 1.93 -23.63 2.11
CA LEU A 313 0.49 -23.38 2.04
C LEU A 313 -0.28 -24.35 2.93
N VAL A 314 0.20 -25.61 3.02
CA VAL A 314 -0.38 -26.55 3.98
C VAL A 314 -0.24 -26.01 5.40
N GLY A 315 0.90 -25.39 5.69
CA GLY A 315 1.13 -24.81 7.00
C GLY A 315 0.13 -23.71 7.36
N VAL A 316 0.02 -22.68 6.50
CA VAL A 316 -0.90 -21.58 6.80
C VAL A 316 -2.33 -22.06 6.82
N LEU A 317 -2.66 -23.10 6.05
CA LEU A 317 -3.99 -23.67 6.13
C LEU A 317 -4.21 -24.42 7.44
N SER A 318 -3.15 -25.05 7.97
CA SER A 318 -3.28 -25.79 9.23
C SER A 318 -3.31 -24.86 10.43
N LYS A 319 -2.54 -23.78 10.40
CA LYS A 319 -2.46 -22.87 11.54
C LYS A 319 -2.07 -21.49 11.04
N ALA A 320 -2.96 -20.52 11.21
CA ALA A 320 -2.71 -19.13 10.87
C ALA A 320 -3.87 -18.30 11.38
N ASP A 321 -3.73 -16.98 11.25
CA ASP A 321 -4.87 -16.10 11.43
C ASP A 321 -5.95 -16.44 10.41
N PHE A 322 -7.21 -16.24 10.80
CA PHE A 322 -8.32 -16.68 9.95
C PHE A 322 -8.29 -16.01 8.58
N LYS A 323 -8.23 -14.68 8.55
CA LYS A 323 -7.98 -13.95 7.31
C LYS A 323 -6.83 -14.52 6.50
N THR A 324 -5.77 -15.00 7.16
CA THR A 324 -4.70 -15.63 6.41
C THR A 324 -5.11 -17.00 5.89
N GLN A 325 -5.86 -17.76 6.70
CA GLN A 325 -6.36 -19.05 6.23
C GLN A 325 -7.33 -18.90 5.07
N LYS A 326 -8.10 -17.82 5.05
CA LYS A 326 -9.01 -17.56 3.94
C LYS A 326 -8.23 -17.37 2.64
N GLU A 327 -7.14 -16.62 2.69
CA GLU A 327 -6.31 -16.45 1.50
C GLU A 327 -5.62 -17.75 1.11
N ALA A 328 -5.37 -18.63 2.08
CA ALA A 328 -4.76 -19.92 1.75
C ALA A 328 -5.73 -20.83 1.03
N ALA A 329 -7.02 -20.78 1.41
CA ALA A 329 -8.02 -21.55 0.69
C ALA A 329 -8.15 -21.09 -0.74
N TRP A 330 -8.21 -19.77 -0.95
CA TRP A 330 -8.25 -19.23 -2.31
C TRP A 330 -7.05 -19.70 -3.12
N ALA A 331 -5.86 -19.62 -2.53
CA ALA A 331 -4.65 -20.10 -3.20
C ALA A 331 -4.80 -21.56 -3.60
N ILE A 332 -5.40 -22.37 -2.73
CA ILE A 332 -5.59 -23.79 -3.05
C ILE A 332 -6.63 -23.96 -4.15
N THR A 333 -7.78 -23.30 -4.01
CA THR A 333 -8.84 -23.44 -5.00
C THR A 333 -8.37 -22.98 -6.38
N ASN A 334 -7.59 -21.89 -6.43
CA ASN A 334 -7.03 -21.45 -7.70
C ASN A 334 -6.04 -22.48 -8.24
N TYR A 335 -5.15 -22.98 -7.38
CA TYR A 335 -4.27 -24.08 -7.72
C TYR A 335 -5.05 -25.25 -8.34
N THR A 336 -6.05 -25.75 -7.61
CA THR A 336 -6.82 -26.89 -8.07
C THR A 336 -7.64 -26.58 -9.32
N SER A 337 -7.84 -25.31 -9.64
CA SER A 337 -8.63 -24.95 -10.82
C SER A 337 -7.79 -24.90 -12.08
N GLY A 338 -6.51 -24.56 -11.99
CA GLY A 338 -5.69 -24.42 -13.17
C GLY A 338 -4.57 -25.43 -13.29
N GLY A 339 -4.36 -26.23 -12.25
CA GLY A 339 -3.25 -27.16 -12.23
C GLY A 339 -3.48 -28.42 -13.05
N THR A 340 -2.42 -29.19 -13.20
CA THR A 340 -2.50 -30.49 -13.86
C THR A 340 -2.98 -31.55 -12.88
N VAL A 341 -3.23 -32.75 -13.40
CA VAL A 341 -3.55 -33.88 -12.53
C VAL A 341 -2.38 -34.15 -11.59
N GLU A 342 -1.16 -34.18 -12.13
CA GLU A 342 0.01 -34.45 -11.30
C GLU A 342 0.17 -33.41 -10.20
N GLN A 343 -0.02 -32.12 -10.54
CA GLN A 343 0.12 -31.07 -9.54
C GLN A 343 -0.97 -31.16 -8.47
N ILE A 344 -2.20 -31.46 -8.88
CA ILE A 344 -3.28 -31.62 -7.90
C ILE A 344 -3.03 -32.86 -7.06
N VAL A 345 -2.54 -33.94 -7.67
CA VAL A 345 -2.16 -35.13 -6.91
C VAL A 345 -1.09 -34.78 -5.88
N TYR A 346 -0.02 -34.11 -6.33
CA TYR A 346 1.04 -33.69 -5.42
C TYR A 346 0.48 -32.90 -4.25
N LEU A 347 -0.62 -32.17 -4.47
CA LEU A 347 -1.14 -31.28 -3.45
C LEU A 347 -1.63 -32.11 -2.27
N VAL A 348 -2.26 -33.24 -2.58
CA VAL A 348 -2.81 -34.15 -1.54
C VAL A 348 -1.68 -34.91 -0.86
N HIS A 349 -0.66 -35.32 -1.59
CA HIS A 349 0.48 -35.98 -0.97
C HIS A 349 1.14 -35.10 0.08
N CYS A 350 1.04 -33.78 -0.08
CA CYS A 350 1.64 -32.84 0.86
C CYS A 350 0.82 -32.68 2.14
N GLY A 351 -0.45 -33.09 2.13
CA GLY A 351 -1.28 -33.04 3.30
C GLY A 351 -2.33 -31.95 3.29
N ILE A 352 -2.83 -31.61 2.10
CA ILE A 352 -3.78 -30.51 2.00
C ILE A 352 -5.19 -30.91 2.45
N ILE A 353 -5.49 -32.21 2.51
CA ILE A 353 -6.87 -32.64 2.71
C ILE A 353 -7.32 -32.40 4.14
N GLU A 354 -6.51 -32.80 5.12
CA GLU A 354 -6.95 -32.70 6.52
C GLU A 354 -7.14 -31.25 6.96
N PRO A 355 -6.17 -30.34 6.79
CA PRO A 355 -6.42 -28.95 7.16
C PRO A 355 -7.48 -28.27 6.30
N LEU A 356 -7.81 -28.81 5.14
CA LEU A 356 -8.90 -28.26 4.35
C LEU A 356 -10.26 -28.63 4.94
N MET A 357 -10.38 -29.86 5.47
CA MET A 357 -11.60 -30.25 6.16
C MET A 357 -11.83 -29.40 7.41
N ASN A 358 -10.78 -29.26 8.23
CA ASN A 358 -10.91 -28.54 9.50
C ASN A 358 -11.51 -27.16 9.31
N LEU A 359 -11.25 -26.53 8.18
CA LEU A 359 -11.77 -25.20 7.90
C LEU A 359 -13.20 -25.22 7.38
N LEU A 360 -13.80 -26.41 7.22
CA LEU A 360 -15.22 -26.51 6.92
C LEU A 360 -16.09 -26.31 8.16
N SER A 361 -15.50 -25.86 9.26
CA SER A 361 -16.23 -25.59 10.49
C SER A 361 -16.40 -24.10 10.77
N ALA A 362 -15.75 -23.23 10.02
CA ALA A 362 -15.82 -21.81 10.30
C ALA A 362 -17.17 -21.23 9.89
N LYS A 363 -17.53 -20.12 10.52
CA LYS A 363 -18.83 -19.50 10.29
C LYS A 363 -18.91 -18.81 8.92
N ASP A 364 -17.77 -18.44 8.34
CA ASP A 364 -17.77 -17.78 7.05
C ASP A 364 -18.41 -18.65 5.98
N THR A 365 -19.36 -18.08 5.24
CA THR A 365 -20.01 -18.83 4.16
C THR A 365 -19.13 -18.89 2.92
N LYS A 366 -18.29 -17.87 2.68
CA LYS A 366 -17.52 -17.81 1.45
C LYS A 366 -16.42 -18.87 1.43
N ILE A 367 -15.70 -19.02 2.53
CA ILE A 367 -14.59 -19.97 2.56
C ILE A 367 -15.09 -21.39 2.35
N ILE A 368 -16.29 -21.71 2.84
CA ILE A 368 -16.87 -23.02 2.62
C ILE A 368 -17.16 -23.23 1.14
N GLN A 369 -17.67 -22.20 0.47
CA GLN A 369 -17.80 -22.26 -0.99
C GLN A 369 -16.43 -22.41 -1.65
N VAL A 370 -15.43 -21.68 -1.15
CA VAL A 370 -14.09 -21.76 -1.74
C VAL A 370 -13.49 -23.14 -1.53
N ILE A 371 -13.61 -23.68 -0.31
CA ILE A 371 -13.09 -25.01 -0.02
C ILE A 371 -13.81 -26.05 -0.86
N LEU A 372 -15.15 -25.98 -0.89
CA LEU A 372 -15.93 -26.98 -1.61
C LEU A 372 -15.64 -26.96 -3.10
N ASP A 373 -15.36 -25.79 -3.67
CA ASP A 373 -14.86 -25.72 -5.03
C ASP A 373 -13.59 -26.56 -5.17
N ALA A 374 -12.67 -26.42 -4.22
CA ALA A 374 -11.41 -27.16 -4.29
C ALA A 374 -11.63 -28.66 -4.05
N ILE A 375 -12.57 -29.01 -3.17
CA ILE A 375 -12.94 -30.41 -3.00
C ILE A 375 -13.29 -31.02 -4.35
N SER A 376 -14.16 -30.34 -5.09
CA SER A 376 -14.63 -30.84 -6.38
C SER A 376 -13.48 -31.03 -7.36
N ASN A 377 -12.61 -30.02 -7.48
CA ASN A 377 -11.51 -30.10 -8.43
C ASN A 377 -10.53 -31.22 -8.06
N ILE A 378 -10.34 -31.48 -6.77
CA ILE A 378 -9.44 -32.54 -6.36
C ILE A 378 -10.06 -33.91 -6.66
N PHE A 379 -11.37 -34.05 -6.44
CA PHE A 379 -12.07 -35.24 -6.90
C PHE A 379 -12.07 -35.32 -8.42
N GLN A 380 -12.13 -34.17 -9.10
CA GLN A 380 -12.18 -34.15 -10.56
C GLN A 380 -10.92 -34.77 -11.17
N ALA A 381 -9.77 -34.53 -10.56
CA ALA A 381 -8.55 -35.18 -11.02
C ALA A 381 -8.50 -36.64 -10.58
N ALA A 382 -9.10 -36.95 -9.43
CA ALA A 382 -9.14 -38.34 -8.97
C ALA A 382 -9.95 -39.21 -9.92
N GLU A 383 -10.89 -38.62 -10.65
CA GLU A 383 -11.67 -39.39 -11.62
C GLU A 383 -10.85 -39.75 -12.85
N LYS A 384 -9.90 -38.89 -13.24
CA LYS A 384 -8.97 -39.23 -14.31
C LYS A 384 -8.00 -40.34 -13.91
N LEU A 385 -7.90 -40.64 -12.61
CA LEU A 385 -7.01 -41.68 -12.13
C LEU A 385 -7.76 -42.86 -11.50
N GLY A 386 -9.09 -42.80 -11.45
CA GLY A 386 -9.88 -43.89 -10.90
C GLY A 386 -9.71 -44.09 -9.42
N GLU A 387 -8.93 -43.21 -8.77
CA GLU A 387 -8.67 -43.29 -7.34
C GLU A 387 -9.65 -42.45 -6.52
N THR A 388 -10.89 -42.35 -6.96
CA THR A 388 -11.88 -41.51 -6.28
C THR A 388 -12.26 -42.09 -4.93
N GLU A 389 -12.71 -43.35 -4.91
CA GLU A 389 -13.14 -43.98 -3.65
C GLU A 389 -12.02 -43.94 -2.63
N LYS A 390 -10.81 -44.33 -3.05
CA LYS A 390 -9.62 -44.20 -2.21
C LYS A 390 -9.37 -42.77 -1.78
N LEU A 391 -9.82 -41.79 -2.56
CA LEU A 391 -9.77 -40.43 -2.02
C LEU A 391 -10.84 -40.23 -0.97
N SER A 392 -12.06 -40.71 -1.26
CA SER A 392 -13.21 -40.46 -0.39
C SER A 392 -12.99 -40.98 1.02
N ILE A 393 -12.30 -42.11 1.17
CA ILE A 393 -12.08 -42.67 2.49
C ILE A 393 -11.24 -41.73 3.36
N MET A 394 -10.29 -41.04 2.73
CA MET A 394 -9.44 -40.11 3.46
C MET A 394 -10.26 -39.09 4.24
N ILE A 395 -11.24 -38.48 3.56
CA ILE A 395 -12.05 -37.44 4.18
C ILE A 395 -12.84 -38.02 5.35
N GLU A 396 -13.35 -39.22 5.17
CA GLU A 396 -14.10 -39.91 6.21
C GLU A 396 -13.25 -40.15 7.46
N GLU A 397 -11.94 -40.27 7.29
CA GLU A 397 -11.06 -40.64 8.39
C GLU A 397 -10.47 -39.44 9.13
N CYS A 398 -10.55 -38.23 8.54
CA CYS A 398 -10.20 -37.01 9.25
C CYS A 398 -11.45 -36.22 9.64
N GLY A 399 -12.59 -36.91 9.79
CA GLY A 399 -13.82 -36.28 10.21
C GLY A 399 -14.51 -35.44 9.16
N GLY A 400 -14.13 -35.58 7.90
CA GLY A 400 -14.66 -34.73 6.85
C GLY A 400 -16.13 -34.91 6.54
N LEU A 401 -16.53 -36.12 6.08
CA LEU A 401 -17.90 -36.34 5.65
C LEU A 401 -18.91 -35.90 6.71
N ASP A 402 -18.52 -35.95 7.98
CA ASP A 402 -19.34 -35.34 9.03
C ASP A 402 -19.59 -33.86 8.73
N LYS A 403 -18.58 -33.17 8.20
CA LYS A 403 -18.74 -31.75 7.89
C LYS A 403 -19.52 -31.53 6.60
N ILE A 404 -19.25 -32.34 5.56
CA ILE A 404 -19.93 -32.13 4.28
C ILE A 404 -21.40 -32.49 4.39
N GLU A 405 -21.70 -33.70 4.86
CA GLU A 405 -23.10 -34.12 4.98
C GLU A 405 -23.90 -33.22 5.93
N ALA A 406 -23.23 -32.56 6.87
CA ALA A 406 -23.91 -31.56 7.69
C ALA A 406 -24.17 -30.29 6.89
N LEU A 407 -23.28 -29.95 5.96
CA LEU A 407 -23.47 -28.77 5.12
C LEU A 407 -24.60 -28.95 4.10
N GLN A 408 -25.10 -30.17 3.91
CA GLN A 408 -26.24 -30.38 3.04
C GLN A 408 -27.50 -29.70 3.58
N ARG A 409 -27.56 -29.47 4.90
CA ARG A 409 -28.59 -28.65 5.51
C ARG A 409 -27.89 -27.39 6.01
N HIS A 410 -27.83 -26.38 5.13
CA HIS A 410 -27.14 -25.13 5.45
C HIS A 410 -27.70 -24.03 4.55
N GLU A 411 -27.72 -22.82 5.08
CA GLU A 411 -28.29 -21.69 4.37
C GLU A 411 -27.44 -21.33 3.15
N ASN A 412 -27.95 -20.37 2.36
CA ASN A 412 -27.41 -19.91 1.09
C ASN A 412 -27.53 -20.95 -0.02
N GLU A 413 -28.10 -22.12 0.26
CA GLU A 413 -28.37 -23.15 -0.74
C GLU A 413 -27.12 -23.61 -1.49
N SER A 414 -26.38 -22.65 -2.07
CA SER A 414 -25.21 -22.99 -2.89
C SER A 414 -24.23 -23.88 -2.14
N VAL A 415 -24.03 -23.63 -0.85
CA VAL A 415 -23.31 -24.57 0.00
C VAL A 415 -23.97 -25.94 -0.04
N TYR A 416 -25.29 -26.00 0.21
CA TYR A 416 -25.96 -27.29 0.27
C TYR A 416 -25.93 -28.01 -1.07
N LYS A 417 -25.96 -27.25 -2.17
CA LYS A 417 -25.98 -27.87 -3.49
C LYS A 417 -24.68 -28.62 -3.76
N ALA A 418 -23.55 -27.94 -3.61
CA ALA A 418 -22.26 -28.60 -3.84
C ALA A 418 -22.01 -29.72 -2.84
N SER A 419 -22.47 -29.55 -1.59
CA SER A 419 -22.22 -30.56 -0.58
C SER A 419 -23.04 -31.82 -0.80
N LEU A 420 -24.34 -31.67 -1.12
CA LEU A 420 -25.16 -32.82 -1.45
C LEU A 420 -24.68 -33.47 -2.75
N ASN A 421 -24.40 -32.65 -3.76
CA ASN A 421 -23.79 -33.14 -4.99
C ASN A 421 -22.51 -33.91 -4.68
N LEU A 422 -21.68 -33.36 -3.80
CA LEU A 422 -20.45 -34.03 -3.39
C LEU A 422 -20.73 -35.42 -2.82
N ILE A 423 -21.60 -35.47 -1.81
CA ILE A 423 -21.88 -36.74 -1.15
C ILE A 423 -22.61 -37.70 -2.08
N GLU A 424 -23.39 -37.17 -3.03
CA GLU A 424 -24.13 -38.03 -3.95
C GLU A 424 -23.20 -38.84 -4.83
N LYS A 425 -22.11 -38.23 -5.29
CA LYS A 425 -21.24 -38.86 -6.29
C LYS A 425 -20.16 -39.73 -5.67
N TYR A 426 -19.48 -39.24 -4.64
CA TYR A 426 -18.30 -39.90 -4.10
C TYR A 426 -18.54 -40.57 -2.75
N PHE A 427 -19.80 -40.61 -2.29
CA PHE A 427 -20.14 -41.24 -1.00
C PHE A 427 -21.49 -41.94 -1.18
N SER A 428 -21.44 -43.14 -1.73
CA SER A 428 -22.64 -43.88 -2.11
C SER A 428 -23.06 -44.88 -1.04
N PRO B 14 -1.13 9.66 5.44
CA PRO B 14 -1.37 10.63 4.35
C PRO B 14 -0.85 12.03 4.65
N ARG B 15 -0.81 12.44 5.90
CA ARG B 15 -0.34 13.77 6.27
C ARG B 15 0.54 13.68 7.51
N LYS B 16 1.30 14.74 7.75
CA LYS B 16 2.25 14.77 8.85
C LYS B 16 2.43 16.19 9.37
N VAL B 17 2.24 16.35 10.67
CA VAL B 17 2.56 17.58 11.38
C VAL B 17 4.07 17.66 11.61
N LYS B 18 4.65 18.83 11.32
CA LYS B 18 6.05 19.11 11.67
C LYS B 18 6.09 19.56 13.13
N ALA B 19 6.56 18.68 14.00
CA ALA B 19 6.72 19.02 15.40
C ALA B 19 8.14 19.48 15.67
N ASP B 20 8.42 19.87 16.91
CA ASP B 20 9.75 20.34 17.27
C ASP B 20 10.56 19.22 17.94
N ARG C 2 -8.00 -16.29 -12.62
CA ARG C 2 -8.97 -16.18 -11.53
C ARG C 2 -8.44 -15.20 -10.48
N LYS C 3 -7.70 -14.20 -10.96
CA LYS C 3 -7.02 -13.26 -10.09
C LYS C 3 -8.01 -12.25 -9.51
N GLY C 4 -7.87 -11.99 -8.21
CA GLY C 4 -8.78 -11.09 -7.51
C GLY C 4 -8.07 -9.94 -6.83
N ARG C 5 -8.79 -9.22 -5.97
CA ARG C 5 -8.22 -8.13 -5.20
C ARG C 5 -9.08 -7.83 -3.96
#